data_1WD4
#
_entry.id   1WD4
#
_cell.length_a   39.461
_cell.length_b   98.620
_cell.length_c   144.135
_cell.angle_alpha   90.00
_cell.angle_beta   90.00
_cell.angle_gamma   90.00
#
_symmetry.space_group_name_H-M   'P 21 21 21'
#
loop_
_entity.id
_entity.type
_entity.pdbx_description
1 polymer 'alpha-L-arabinofuranosidase B'
2 branched 2-acetamido-2-deoxy-beta-D-glucopyranose-(1-4)-2-acetamido-2-deoxy-beta-D-glucopyranose
3 non-polymer alpha-L-arabinofuranose
4 water water
#
_entity_poly.entity_id   1
_entity_poly.type   'polypeptide(L)'
_entity_poly.pdbx_seq_one_letter_code
;MGPCDIYEAGDTPCVAAHSTTRALYSSFSGALYQLQRGSDDTTTTISPLTAGGIADASAQDTFCANTTCLITIIYDQSGN
GNHLTQAPPGGFDGPDTDGYDNLASAIGAPVTLNGQKAYGVFMSPGTGYRNNEATGTATGDEAEGMYAVLDGTHYNDACC
FDYGNAETSSTDTGAGHMEAIYLGNSTTWGYGAGDGPWIMVDMENNLFSGADEGYNSGDPSISYRFVTAAVKGGADKWAI
RGANAASGSLSTYYSGARPDYSGYNPMSKEGAIILGIGGDNSNGAQGTFYEGVMTSGYPSDDTENSVQENIVAAKYVVGS
LVSGPSFTSGEVVSLRVTTPGYTTRYIAHTDTTVNTQVVDDDSSTTLKEEASWTVVTGLANSQCFSFESVDTPGSYIRHY
NFELLLNANDGTKQFHEDATFCPQAALNGEGTSLRSWSYPTRYFRHYENVLYAASNGGVQTFDSKTSFNNDVSFEIETAF
AS
;
_entity_poly.pdbx_strand_id   A
#
loop_
_chem_comp.id
_chem_comp.type
_chem_comp.name
_chem_comp.formula
AHR L-saccharide, alpha linking alpha-L-arabinofuranose 'C5 H10 O5'
NAG D-saccharide, beta linking 2-acetamido-2-deoxy-beta-D-glucopyranose 'C8 H15 N O6'
#
# COMPACT_ATOMS: atom_id res chain seq x y z
N MET A 1 12.48 4.55 24.88
CA MET A 1 13.21 4.90 23.62
C MET A 1 12.51 4.40 22.37
N GLY A 2 12.47 5.25 21.34
CA GLY A 2 11.87 4.88 20.08
C GLY A 2 13.00 4.51 19.15
N PRO A 3 12.72 4.00 17.93
CA PRO A 3 13.79 3.63 17.00
C PRO A 3 14.84 4.72 16.80
N CYS A 4 14.41 5.96 16.59
CA CYS A 4 15.36 7.03 16.37
C CYS A 4 16.14 7.39 17.63
N ASP A 5 15.60 7.08 18.80
CA ASP A 5 16.33 7.35 20.03
C ASP A 5 17.45 6.31 20.08
N ILE A 6 17.13 5.09 19.64
CA ILE A 6 18.10 4.00 19.62
C ILE A 6 19.21 4.31 18.60
N TYR A 7 18.83 4.73 17.39
CA TYR A 7 19.83 5.06 16.37
C TYR A 7 20.72 6.22 16.85
N GLU A 8 20.11 7.20 17.51
CA GLU A 8 20.85 8.35 18.02
C GLU A 8 21.89 7.87 19.03
N ALA A 9 21.48 6.98 19.92
CA ALA A 9 22.36 6.42 20.94
C ALA A 9 23.52 5.66 20.31
N GLY A 10 23.33 5.18 19.08
CA GLY A 10 24.38 4.46 18.40
C GLY A 10 25.25 5.35 17.53
N ASP A 11 25.06 6.67 17.66
CA ASP A 11 25.84 7.64 16.89
C ASP A 11 25.55 7.65 15.39
N THR A 12 24.36 7.20 15.01
CA THR A 12 23.94 7.19 13.60
C THR A 12 22.47 7.60 13.62
N PRO A 13 22.21 8.87 13.96
CA PRO A 13 20.88 9.48 14.06
C PRO A 13 20.02 9.46 12.80
N CYS A 14 18.72 9.49 13.02
CA CYS A 14 17.76 9.54 11.93
C CYS A 14 17.87 10.93 11.31
N VAL A 15 17.83 11.02 9.98
CA VAL A 15 17.87 12.30 9.31
C VAL A 15 16.51 12.45 8.64
N ALA A 16 15.71 11.39 8.72
CA ALA A 16 14.36 11.34 8.18
C ALA A 16 13.64 10.20 8.88
N ALA A 17 12.45 10.45 9.40
CA ALA A 17 11.68 9.44 10.11
C ALA A 17 10.21 9.57 9.72
N HIS A 18 9.66 8.51 9.14
CA HIS A 18 8.28 8.52 8.69
C HIS A 18 7.42 7.38 9.23
N SER A 19 6.19 7.70 9.59
CA SER A 19 5.26 6.70 10.08
C SER A 19 3.86 7.27 10.30
N THR A 20 2.86 6.52 9.86
CA THR A 20 1.48 6.93 10.03
C THR A 20 0.89 6.18 11.23
N THR A 21 1.65 5.25 11.78
CA THR A 21 1.19 4.45 12.91
C THR A 21 1.67 4.92 14.28
N ARG A 22 2.90 5.41 14.37
CA ARG A 22 3.42 5.85 15.66
C ARG A 22 4.59 6.82 15.60
N ALA A 23 4.85 7.43 16.75
CA ALA A 23 5.97 8.35 16.88
C ALA A 23 7.19 7.45 16.93
N LEU A 24 8.29 7.89 16.31
CA LEU A 24 9.52 7.10 16.30
C LEU A 24 10.54 7.67 17.27
N TYR A 25 10.11 8.69 18.00
CA TYR A 25 10.92 9.37 19.02
C TYR A 25 10.05 9.36 20.29
N SER A 26 10.64 9.05 21.43
CA SER A 26 9.88 9.02 22.68
C SER A 26 9.26 10.37 23.02
N SER A 27 9.82 11.44 22.48
CA SER A 27 9.33 12.78 22.76
C SER A 27 8.54 13.46 21.65
N PHE A 28 8.29 12.75 20.55
CA PHE A 28 7.55 13.33 19.44
C PHE A 28 6.04 13.36 19.67
N SER A 29 5.45 14.55 19.53
CA SER A 29 4.02 14.71 19.71
C SER A 29 3.42 15.51 18.55
N GLY A 30 4.24 15.79 17.53
CA GLY A 30 3.76 16.54 16.38
C GLY A 30 2.92 15.73 15.42
N ALA A 31 2.66 16.30 14.24
CA ALA A 31 1.85 15.62 13.23
C ALA A 31 2.56 14.43 12.60
N LEU A 32 1.87 13.31 12.52
CA LEU A 32 2.45 12.11 11.91
C LEU A 32 2.19 12.15 10.42
N TYR A 33 0.99 12.57 10.05
CA TYR A 33 0.63 12.66 8.64
C TYR A 33 -0.58 13.56 8.45
N GLN A 34 -0.86 13.89 7.19
CA GLN A 34 -1.98 14.75 6.85
C GLN A 34 -3.02 13.98 6.04
N LEU A 35 -4.28 14.32 6.24
CA LEU A 35 -5.41 13.70 5.54
C LEU A 35 -6.18 14.72 4.71
N GLN A 36 -6.84 14.23 3.68
CA GLN A 36 -7.68 15.07 2.82
C GLN A 36 -8.86 14.19 2.45
N ARG A 37 -10.07 14.72 2.66
CA ARG A 37 -11.27 13.95 2.35
C ARG A 37 -11.92 14.41 1.06
N GLY A 38 -12.54 13.47 0.35
CA GLY A 38 -13.17 13.77 -0.92
C GLY A 38 -14.42 14.63 -0.83
N SER A 39 -15.10 14.58 0.31
CA SER A 39 -16.31 15.37 0.50
C SER A 39 -16.13 16.83 0.14
N ASP A 40 -15.21 17.51 0.82
CA ASP A 40 -14.96 18.93 0.58
C ASP A 40 -13.50 19.26 0.31
N ASP A 41 -12.67 18.24 0.11
CA ASP A 41 -11.26 18.45 -0.16
C ASP A 41 -10.49 19.17 0.95
N THR A 42 -11.08 19.26 2.14
CA THR A 42 -10.38 19.90 3.25
C THR A 42 -9.39 18.91 3.83
N THR A 43 -8.50 19.40 4.71
CA THR A 43 -7.49 18.53 5.30
C THR A 43 -7.42 18.65 6.82
N THR A 44 -6.67 17.74 7.42
CA THR A 44 -6.46 17.73 8.87
C THR A 44 -5.25 16.83 9.13
N THR A 45 -4.64 16.97 10.29
CA THR A 45 -3.48 16.15 10.62
C THR A 45 -3.80 15.17 11.73
N ILE A 46 -3.02 14.10 11.80
CA ILE A 46 -3.19 13.08 12.83
C ILE A 46 -1.88 13.05 13.62
N SER A 47 -1.99 13.18 14.95
CA SER A 47 -0.83 13.17 15.82
C SER A 47 -0.91 12.02 16.81
N PRO A 48 0.21 11.69 17.48
CA PRO A 48 0.21 10.60 18.45
C PRO A 48 -0.77 10.93 19.57
N LEU A 49 -1.34 9.91 20.21
CA LEU A 49 -2.28 10.14 21.30
C LEU A 49 -1.56 10.82 22.46
N THR A 50 -0.29 10.49 22.60
CA THR A 50 0.55 11.05 23.65
C THR A 50 1.96 11.09 23.10
N ALA A 51 2.83 11.92 23.69
CA ALA A 51 4.21 12.03 23.24
C ALA A 51 4.83 10.65 23.06
N GLY A 52 5.31 10.37 21.84
CA GLY A 52 5.93 9.09 21.56
C GLY A 52 4.95 7.94 21.56
N GLY A 53 3.66 8.26 21.41
CA GLY A 53 2.64 7.22 21.41
C GLY A 53 2.17 6.78 20.04
N ILE A 54 0.99 6.15 20.03
CA ILE A 54 0.39 5.64 18.81
C ILE A 54 -0.51 6.71 18.18
N ALA A 55 -0.67 6.64 16.85
CA ALA A 55 -1.48 7.61 16.13
C ALA A 55 -2.93 7.60 16.62
N ASP A 56 -3.55 8.78 16.57
CA ASP A 56 -4.93 8.95 16.99
C ASP A 56 -5.87 8.58 15.84
N ALA A 57 -6.08 7.28 15.67
CA ALA A 57 -6.92 6.74 14.62
C ALA A 57 -8.36 7.27 14.65
N SER A 58 -8.92 7.39 15.85
CA SER A 58 -10.28 7.87 16.00
C SER A 58 -10.46 9.24 15.35
N ALA A 59 -9.45 10.09 15.45
CA ALA A 59 -9.49 11.42 14.85
C ALA A 59 -9.67 11.31 13.34
N GLN A 60 -9.04 10.30 12.74
CA GLN A 60 -9.16 10.09 11.31
C GLN A 60 -10.54 9.54 10.98
N ASP A 61 -10.97 8.55 11.76
CA ASP A 61 -12.28 7.95 11.54
C ASP A 61 -13.36 9.02 11.60
N THR A 62 -13.20 9.98 12.50
CA THR A 62 -14.16 11.05 12.64
C THR A 62 -14.16 11.96 11.41
N PHE A 63 -12.96 12.35 10.99
CA PHE A 63 -12.79 13.23 9.84
C PHE A 63 -13.22 12.60 8.53
N CYS A 64 -13.09 11.28 8.42
CA CYS A 64 -13.41 10.57 7.18
C CYS A 64 -14.78 9.90 7.13
N ALA A 65 -15.63 10.19 8.12
CA ALA A 65 -16.96 9.59 8.16
C ALA A 65 -17.81 9.97 6.96
N ASN A 66 -18.48 8.97 6.39
CA ASN A 66 -19.36 9.15 5.23
C ASN A 66 -18.69 9.79 4.01
N THR A 67 -17.41 9.50 3.83
CA THR A 67 -16.65 10.00 2.68
C THR A 67 -15.39 9.16 2.49
N THR A 68 -14.47 9.62 1.64
CA THR A 68 -13.22 8.90 1.39
C THR A 68 -12.04 9.75 1.82
N CYS A 69 -10.94 9.10 2.20
CA CYS A 69 -9.76 9.82 2.63
C CYS A 69 -8.47 9.36 1.97
N LEU A 70 -7.58 10.34 1.76
CA LEU A 70 -6.28 10.10 1.16
C LEU A 70 -5.21 10.64 2.08
N ILE A 71 -4.05 9.99 2.09
CA ILE A 71 -2.93 10.46 2.91
C ILE A 71 -2.11 11.38 2.03
N THR A 72 -2.22 12.68 2.25
CA THR A 72 -1.51 13.68 1.46
C THR A 72 -0.04 13.85 1.83
N ILE A 73 0.26 13.79 3.13
CA ILE A 73 1.63 13.96 3.59
C ILE A 73 1.99 13.02 4.73
N ILE A 74 3.21 12.50 4.69
CA ILE A 74 3.72 11.64 5.75
C ILE A 74 4.86 12.50 6.27
N TYR A 75 4.65 13.12 7.42
CA TYR A 75 5.64 14.03 7.98
C TYR A 75 6.94 13.40 8.47
N ASP A 76 8.02 14.17 8.32
CA ASP A 76 9.32 13.72 8.79
C ASP A 76 9.38 14.14 10.26
N GLN A 77 9.48 13.16 11.15
CA GLN A 77 9.52 13.42 12.59
C GLN A 77 10.84 13.94 13.13
N SER A 78 11.91 13.83 12.34
CA SER A 78 13.24 14.26 12.79
C SER A 78 13.45 15.75 12.99
N GLY A 79 12.72 16.58 12.25
CA GLY A 79 12.88 18.02 12.37
C GLY A 79 13.56 18.56 11.13
N ASN A 80 14.08 17.67 10.30
CA ASN A 80 14.75 18.06 9.07
C ASN A 80 13.80 18.51 7.99
N GLY A 81 12.50 18.30 8.21
CA GLY A 81 11.51 18.70 7.24
C GLY A 81 11.47 17.85 5.98
N ASN A 82 11.90 16.60 6.06
CA ASN A 82 11.88 15.73 4.89
C ASN A 82 10.54 15.01 4.74
N HIS A 83 9.47 15.79 4.70
CA HIS A 83 8.13 15.24 4.56
C HIS A 83 7.95 14.60 3.18
N LEU A 84 7.15 13.54 3.13
CA LEU A 84 6.88 12.85 1.89
C LEU A 84 5.52 13.30 1.35
N THR A 85 5.52 13.76 0.10
CA THR A 85 4.30 14.22 -0.54
C THR A 85 4.11 13.51 -1.88
N GLN A 86 2.97 13.75 -2.52
CA GLN A 86 2.64 13.13 -3.79
C GLN A 86 3.83 13.11 -4.75
N ALA A 87 4.26 11.92 -5.14
CA ALA A 87 5.40 11.78 -6.04
C ALA A 87 5.09 12.40 -7.41
N PRO A 88 6.03 13.20 -7.94
CA PRO A 88 5.86 13.84 -9.24
C PRO A 88 6.32 12.96 -10.40
N PRO A 89 5.98 13.34 -11.64
CA PRO A 89 6.39 12.55 -12.80
C PRO A 89 7.91 12.66 -12.96
N GLY A 90 8.50 11.69 -13.64
CA GLY A 90 9.94 11.70 -13.86
C GLY A 90 10.26 10.96 -15.13
N GLY A 91 11.15 9.97 -15.06
CA GLY A 91 11.46 9.19 -16.24
C GLY A 91 10.15 8.61 -16.77
N PHE A 92 9.26 8.27 -15.82
CA PHE A 92 7.94 7.72 -16.13
C PHE A 92 6.89 8.63 -15.51
N ASP A 93 5.74 8.72 -16.16
CA ASP A 93 4.64 9.53 -15.62
C ASP A 93 3.81 8.66 -14.70
N GLY A 94 3.23 9.27 -13.68
CA GLY A 94 2.37 8.54 -12.77
C GLY A 94 1.02 8.54 -13.47
N PRO A 95 0.02 7.85 -12.93
CA PRO A 95 -1.30 7.82 -13.57
C PRO A 95 -2.22 8.99 -13.17
N ASP A 96 -1.77 9.80 -12.22
CA ASP A 96 -2.56 10.91 -11.73
C ASP A 96 -2.40 12.18 -12.57
N THR A 97 -3.11 13.23 -12.17
CA THR A 97 -3.07 14.50 -12.88
C THR A 97 -1.66 15.01 -13.16
N ASP A 98 -1.44 15.40 -14.41
CA ASP A 98 -0.16 15.91 -14.87
C ASP A 98 1.04 14.99 -14.65
N GLY A 99 0.77 13.70 -14.57
CA GLY A 99 1.85 12.74 -14.39
C GLY A 99 2.26 12.43 -12.95
N TYR A 100 1.57 13.00 -11.97
CA TYR A 100 1.89 12.70 -10.58
C TYR A 100 1.41 11.28 -10.28
N ASP A 101 1.93 10.70 -9.20
CA ASP A 101 1.52 9.36 -8.78
C ASP A 101 0.31 9.52 -7.87
N ASN A 102 -0.43 8.44 -7.66
CA ASN A 102 -1.61 8.53 -6.80
C ASN A 102 -1.22 8.64 -5.34
N LEU A 103 -2.11 9.24 -4.57
CA LEU A 103 -1.91 9.33 -3.13
C LEU A 103 -2.52 8.03 -2.64
N ALA A 104 -2.09 7.55 -1.48
CA ALA A 104 -2.61 6.31 -0.95
C ALA A 104 -3.88 6.55 -0.14
N SER A 105 -4.74 5.54 -0.10
CA SER A 105 -5.97 5.59 0.68
C SER A 105 -5.51 5.66 2.13
N ALA A 106 -6.37 6.18 3.00
CA ALA A 106 -6.03 6.28 4.42
C ALA A 106 -6.53 5.09 5.21
N ILE A 107 -7.25 4.18 4.55
CA ILE A 107 -7.82 3.03 5.25
C ILE A 107 -7.51 1.67 4.64
N GLY A 108 -6.47 1.59 3.82
CA GLY A 108 -6.12 0.33 3.21
C GLY A 108 -5.28 -0.61 4.05
N ALA A 109 -4.75 -0.11 5.15
CA ALA A 109 -3.89 -0.93 6.00
C ALA A 109 -4.14 -0.73 7.49
N PRO A 110 -5.36 -1.06 7.97
CA PRO A 110 -5.62 -0.90 9.40
C PRO A 110 -4.84 -1.91 10.22
N VAL A 111 -4.39 -1.49 11.39
CA VAL A 111 -3.63 -2.36 12.29
C VAL A 111 -3.83 -1.88 13.72
N THR A 112 -3.22 -2.60 14.66
CA THR A 112 -3.24 -2.20 16.05
C THR A 112 -1.82 -2.42 16.55
N LEU A 113 -1.30 -1.45 17.29
CA LEU A 113 0.04 -1.56 17.86
C LEU A 113 -0.20 -1.71 19.35
N ASN A 114 0.08 -2.90 19.85
CA ASN A 114 -0.14 -3.19 21.26
C ASN A 114 -1.59 -2.86 21.64
N GLY A 115 -2.52 -3.27 20.79
CA GLY A 115 -3.93 -3.03 21.05
C GLY A 115 -4.54 -1.74 20.57
N GLN A 116 -3.71 -0.74 20.27
CA GLN A 116 -4.22 0.55 19.82
C GLN A 116 -4.34 0.62 18.30
N LYS A 117 -5.50 1.04 17.82
CA LYS A 117 -5.77 1.14 16.38
C LYS A 117 -4.90 2.17 15.66
N ALA A 118 -4.47 1.82 14.45
CA ALA A 118 -3.64 2.71 13.65
C ALA A 118 -3.79 2.37 12.18
N TYR A 119 -3.30 3.25 11.31
CA TYR A 119 -3.38 3.04 9.88
C TYR A 119 -2.02 3.11 9.19
N GLY A 120 -1.76 2.14 8.33
CA GLY A 120 -0.51 2.12 7.59
C GLY A 120 -0.78 2.70 6.20
N VAL A 121 0.25 2.74 5.36
CA VAL A 121 0.08 3.28 4.01
C VAL A 121 0.02 2.16 2.97
N PHE A 122 -1.19 1.79 2.57
CA PHE A 122 -1.43 0.74 1.58
C PHE A 122 -1.24 1.34 0.19
N MET A 123 -0.19 0.93 -0.50
CA MET A 123 0.11 1.47 -1.81
C MET A 123 -0.14 0.56 -3.00
N SER A 124 -1.13 0.91 -3.82
CA SER A 124 -1.47 0.16 -5.01
C SER A 124 -0.62 0.67 -6.18
N PRO A 125 -0.49 -0.13 -7.24
CA PRO A 125 0.31 0.27 -8.40
C PRO A 125 -0.10 1.67 -8.89
N GLY A 126 0.87 2.57 -8.99
CA GLY A 126 0.58 3.92 -9.43
C GLY A 126 0.65 4.91 -8.28
N THR A 127 0.76 4.39 -7.06
CA THR A 127 0.85 5.22 -5.87
C THR A 127 2.32 5.54 -5.56
N GLY A 128 2.57 6.72 -5.01
CA GLY A 128 3.94 7.10 -4.68
C GLY A 128 4.12 8.40 -3.93
N TYR A 129 5.12 8.44 -3.04
CA TYR A 129 5.45 9.62 -2.26
C TYR A 129 6.92 9.94 -2.45
N ARG A 130 7.29 11.21 -2.27
CA ARG A 130 8.67 11.60 -2.49
C ARG A 130 8.99 12.96 -1.92
N ASN A 131 10.29 13.22 -1.80
CA ASN A 131 10.79 14.50 -1.35
C ASN A 131 12.11 14.64 -2.08
N ASN A 132 12.15 15.54 -3.05
CA ASN A 132 13.36 15.75 -3.83
C ASN A 132 14.31 16.84 -3.32
N GLU A 133 14.01 17.41 -2.17
CA GLU A 133 14.89 18.40 -1.57
C GLU A 133 15.01 18.13 -0.06
N ALA A 134 15.51 16.95 0.25
CA ALA A 134 15.70 16.50 1.64
C ALA A 134 17.01 17.02 2.23
N THR A 135 17.03 17.15 3.55
CA THR A 135 18.22 17.62 4.26
C THR A 135 18.80 16.54 5.15
N GLY A 136 20.12 16.50 5.24
CA GLY A 136 20.78 15.51 6.09
C GLY A 136 21.00 14.13 5.51
N THR A 137 20.30 13.80 4.43
CA THR A 137 20.45 12.50 3.80
C THR A 137 21.80 12.34 3.13
N ALA A 138 22.33 11.12 3.14
CA ALA A 138 23.63 10.85 2.54
C ALA A 138 23.67 11.11 1.04
N THR A 139 24.80 11.66 0.59
CA THR A 139 25.03 11.94 -0.82
C THR A 139 26.43 11.40 -1.13
N GLY A 140 26.73 11.24 -2.42
CA GLY A 140 28.03 10.71 -2.79
C GLY A 140 28.20 9.30 -2.28
N ASP A 141 29.32 9.04 -1.62
CA ASP A 141 29.58 7.71 -1.09
C ASP A 141 29.41 7.69 0.44
N GLU A 142 28.73 8.71 0.97
CA GLU A 142 28.50 8.79 2.41
C GLU A 142 27.66 7.61 2.91
N ALA A 143 27.97 7.17 4.13
CA ALA A 143 27.27 6.04 4.74
C ALA A 143 25.89 6.40 5.27
N GLU A 144 24.98 5.42 5.26
CA GLU A 144 23.64 5.64 5.75
C GLU A 144 23.02 4.31 6.11
N GLY A 145 21.97 4.39 6.93
CA GLY A 145 21.26 3.20 7.32
C GLY A 145 19.79 3.51 7.11
N MET A 146 18.95 2.49 7.08
CA MET A 146 17.52 2.68 6.90
C MET A 146 16.80 1.39 7.21
N TYR A 147 15.52 1.50 7.53
CA TYR A 147 14.70 0.33 7.80
C TYR A 147 13.27 0.74 7.53
N ALA A 148 12.40 -0.25 7.38
CA ALA A 148 10.99 -0.01 7.15
C ALA A 148 10.23 -1.24 7.59
N VAL A 149 9.04 -1.05 8.14
CA VAL A 149 8.19 -2.16 8.54
C VAL A 149 7.17 -2.21 7.42
N LEU A 150 7.18 -3.31 6.68
CA LEU A 150 6.29 -3.48 5.53
C LEU A 150 5.41 -4.72 5.67
N ASP A 151 4.61 -4.96 4.64
CA ASP A 151 3.72 -6.11 4.60
C ASP A 151 4.28 -7.10 3.59
N GLY A 152 4.82 -8.21 4.11
CA GLY A 152 5.40 -9.23 3.27
C GLY A 152 4.43 -10.01 2.39
N THR A 153 3.13 -9.75 2.54
CA THR A 153 2.14 -10.43 1.73
C THR A 153 1.55 -9.50 0.65
N HIS A 154 1.87 -8.22 0.74
CA HIS A 154 1.38 -7.22 -0.22
C HIS A 154 2.56 -6.73 -1.08
N TYR A 155 2.65 -7.25 -2.29
CA TYR A 155 3.75 -6.90 -3.18
C TYR A 155 3.49 -7.45 -4.58
N ASN A 156 4.36 -7.11 -5.51
CA ASN A 156 4.26 -7.65 -6.87
C ASN A 156 5.63 -7.64 -7.51
N ASP A 157 5.71 -7.96 -8.79
CA ASP A 157 7.00 -8.03 -9.47
C ASP A 157 7.34 -6.87 -10.39
N ALA A 158 6.58 -5.78 -10.29
CA ALA A 158 6.84 -4.62 -11.13
C ALA A 158 7.70 -3.61 -10.40
N CYS A 159 8.44 -2.80 -11.16
CA CYS A 159 9.32 -1.80 -10.58
C CYS A 159 8.54 -0.58 -10.09
N CYS A 160 8.73 -0.17 -8.84
CA CYS A 160 9.62 -0.80 -7.86
C CYS A 160 9.09 -0.34 -6.50
N PHE A 161 8.89 -1.26 -5.56
CA PHE A 161 8.42 -0.82 -4.25
C PHE A 161 9.64 -0.51 -3.39
N ASP A 162 10.06 0.76 -3.42
CA ASP A 162 11.23 1.21 -2.69
C ASP A 162 10.93 2.20 -1.54
N TYR A 163 11.94 2.34 -0.69
CA TYR A 163 11.93 3.30 0.42
C TYR A 163 13.41 3.57 0.63
N GLY A 164 13.83 4.79 0.35
CA GLY A 164 15.23 5.10 0.55
C GLY A 164 15.75 6.25 -0.27
N ASN A 165 17.07 6.25 -0.44
CA ASN A 165 17.81 7.27 -1.17
C ASN A 165 17.66 7.15 -2.69
N ALA A 166 17.37 8.28 -3.34
CA ALA A 166 17.18 8.28 -4.78
C ALA A 166 17.59 9.60 -5.45
N GLU A 167 17.44 9.64 -6.76
CA GLU A 167 17.80 10.83 -7.54
C GLU A 167 16.89 12.02 -7.25
N THR A 168 17.47 13.21 -7.18
CA THR A 168 16.72 14.42 -6.91
C THR A 168 15.99 14.94 -8.15
N SER A 169 16.20 14.30 -9.30
CA SER A 169 15.55 14.75 -10.54
C SER A 169 14.43 13.80 -10.99
N SER A 170 14.25 12.71 -10.25
CA SER A 170 13.22 11.71 -10.56
C SER A 170 13.53 10.99 -11.88
N THR A 171 14.81 10.96 -12.25
CA THR A 171 15.23 10.27 -13.46
C THR A 171 16.36 9.31 -13.13
N ASP A 172 16.55 8.32 -14.00
CA ASP A 172 17.58 7.31 -13.85
C ASP A 172 18.91 7.92 -14.31
N THR A 173 19.69 8.45 -13.38
CA THR A 173 20.95 9.07 -13.74
C THR A 173 22.14 8.11 -13.69
N GLY A 174 21.85 6.82 -13.64
CA GLY A 174 22.93 5.84 -13.63
C GLY A 174 23.21 5.05 -12.37
N ALA A 175 23.95 3.96 -12.56
CA ALA A 175 24.34 3.08 -11.48
C ALA A 175 24.98 3.86 -10.34
N GLY A 176 24.61 3.54 -9.11
CA GLY A 176 25.18 4.22 -7.95
C GLY A 176 24.43 5.46 -7.50
N HIS A 177 23.44 5.88 -8.27
CA HIS A 177 22.65 7.06 -7.94
C HIS A 177 21.40 6.78 -7.11
N MET A 178 21.37 5.60 -6.49
CA MET A 178 20.26 5.20 -5.63
C MET A 178 20.77 4.25 -4.55
N GLU A 179 20.00 4.14 -3.47
CA GLU A 179 20.30 3.22 -2.38
C GLU A 179 19.06 3.15 -1.51
N ALA A 180 18.18 2.22 -1.85
CA ALA A 180 16.92 2.08 -1.12
C ALA A 180 16.51 0.65 -0.92
N ILE A 181 15.64 0.45 0.05
CA ILE A 181 15.11 -0.86 0.34
C ILE A 181 14.14 -1.17 -0.78
N TYR A 182 14.06 -2.44 -1.15
CA TYR A 182 13.11 -2.90 -2.17
C TYR A 182 12.51 -4.18 -1.62
N LEU A 183 11.20 -4.35 -1.79
CA LEU A 183 10.51 -5.56 -1.35
C LEU A 183 9.46 -5.93 -2.39
N GLY A 184 9.63 -7.10 -3.01
CA GLY A 184 8.70 -7.59 -4.01
C GLY A 184 9.35 -8.80 -4.65
N ASN A 185 8.78 -9.36 -5.72
CA ASN A 185 9.41 -10.52 -6.35
C ASN A 185 9.80 -10.26 -7.81
N SER A 186 10.31 -9.05 -8.06
CA SER A 186 10.80 -8.69 -9.38
C SER A 186 12.03 -9.55 -9.63
N THR A 187 12.20 -10.01 -10.87
CA THR A 187 13.36 -10.83 -11.22
C THR A 187 14.00 -10.20 -12.45
N THR A 188 13.65 -8.95 -12.73
CA THR A 188 14.18 -8.22 -13.86
C THR A 188 15.67 -7.97 -13.66
N TRP A 189 16.06 -7.77 -12.40
CA TRP A 189 17.46 -7.52 -12.06
C TRP A 189 17.93 -8.63 -11.14
N GLY A 190 17.97 -8.34 -9.84
CA GLY A 190 18.38 -9.36 -8.90
C GLY A 190 17.18 -10.06 -8.30
N TYR A 191 17.44 -11.18 -7.65
CA TYR A 191 16.37 -11.93 -7.00
C TYR A 191 17.00 -12.99 -6.12
N GLY A 192 16.26 -13.41 -5.10
CA GLY A 192 16.79 -14.41 -4.18
C GLY A 192 16.26 -15.81 -4.36
N ALA A 193 16.33 -16.58 -3.29
CA ALA A 193 15.89 -17.96 -3.29
C ALA A 193 14.38 -18.07 -3.13
N GLY A 194 13.80 -19.11 -3.72
CA GLY A 194 12.37 -19.32 -3.61
C GLY A 194 11.50 -18.51 -4.55
N ASP A 195 10.25 -18.31 -4.15
CA ASP A 195 9.29 -17.56 -4.96
C ASP A 195 9.18 -16.08 -4.57
N GLY A 196 9.89 -15.67 -3.52
CA GLY A 196 9.82 -14.29 -3.10
C GLY A 196 8.65 -14.03 -2.17
N PRO A 197 8.42 -12.78 -1.76
CA PRO A 197 9.22 -11.61 -2.13
C PRO A 197 10.59 -11.60 -1.48
N TRP A 198 11.47 -10.72 -1.96
CA TRP A 198 12.82 -10.62 -1.42
C TRP A 198 13.12 -9.18 -1.04
N ILE A 199 13.88 -9.00 0.04
CA ILE A 199 14.30 -7.66 0.43
C ILE A 199 15.58 -7.46 -0.36
N MET A 200 15.63 -6.41 -1.18
CA MET A 200 16.83 -6.14 -1.96
C MET A 200 17.19 -4.67 -1.83
N VAL A 201 18.36 -4.31 -2.34
CA VAL A 201 18.81 -2.93 -2.28
C VAL A 201 18.87 -2.36 -3.69
N ASP A 202 18.07 -1.32 -3.93
CA ASP A 202 18.04 -0.66 -5.23
C ASP A 202 19.20 0.34 -5.28
N MET A 203 20.18 0.06 -6.13
CA MET A 203 21.33 0.95 -6.27
C MET A 203 21.30 1.66 -7.63
N GLU A 204 20.14 1.58 -8.29
CA GLU A 204 19.88 2.16 -9.61
C GLU A 204 20.39 1.24 -10.70
N ASN A 205 19.52 0.95 -11.68
CA ASN A 205 19.84 0.04 -12.78
C ASN A 205 20.17 -1.35 -12.25
N ASN A 206 19.61 -1.68 -11.09
CA ASN A 206 19.85 -2.97 -10.48
C ASN A 206 19.27 -3.06 -9.08
N LEU A 207 18.59 -4.17 -8.82
CA LEU A 207 18.05 -4.45 -7.51
C LEU A 207 19.01 -5.56 -7.13
N PHE A 208 19.68 -5.41 -5.99
CA PHE A 208 20.64 -6.41 -5.55
C PHE A 208 20.20 -7.25 -4.37
N SER A 209 20.33 -8.56 -4.53
CA SER A 209 19.98 -9.54 -3.51
C SER A 209 21.29 -10.07 -2.95
N GLY A 210 22.39 -9.57 -3.51
CA GLY A 210 23.71 -10.01 -3.08
C GLY A 210 24.79 -9.35 -3.92
N ALA A 211 26.00 -9.90 -3.85
CA ALA A 211 27.15 -9.36 -4.57
C ALA A 211 27.03 -9.43 -6.10
N ASP A 212 26.43 -10.50 -6.61
CA ASP A 212 26.31 -10.63 -8.06
C ASP A 212 25.03 -10.04 -8.62
N GLU A 213 25.10 -9.60 -9.87
CA GLU A 213 23.93 -9.07 -10.54
C GLU A 213 23.06 -10.30 -10.75
N GLY A 214 21.75 -10.15 -10.58
CA GLY A 214 20.86 -11.27 -10.77
C GLY A 214 20.65 -12.16 -9.56
N TYR A 215 20.65 -13.47 -9.78
CA TYR A 215 20.44 -14.44 -8.72
C TYR A 215 21.51 -14.50 -7.65
N ASN A 216 21.05 -14.61 -6.40
CA ASN A 216 21.90 -14.71 -5.22
C ASN A 216 21.15 -15.61 -4.25
N SER A 217 21.67 -16.80 -4.04
CA SER A 217 21.05 -17.79 -3.16
C SER A 217 20.97 -17.40 -1.68
N GLY A 218 21.78 -16.43 -1.28
CA GLY A 218 21.79 -16.02 0.12
C GLY A 218 20.62 -15.16 0.58
N ASP A 219 19.84 -14.64 -0.36
CA ASP A 219 18.71 -13.80 -0.01
C ASP A 219 17.42 -14.64 -0.05
N PRO A 220 16.89 -14.99 1.14
CA PRO A 220 15.68 -15.81 1.20
C PRO A 220 14.38 -15.06 0.92
N SER A 221 13.33 -15.84 0.65
CA SER A 221 12.01 -15.28 0.45
C SER A 221 11.60 -14.90 1.87
N ILE A 222 10.92 -13.77 2.03
CA ILE A 222 10.46 -13.37 3.34
C ILE A 222 9.05 -12.81 3.15
N SER A 223 8.06 -13.55 3.62
CA SER A 223 6.67 -13.15 3.43
C SER A 223 5.86 -12.97 4.72
N TYR A 224 6.49 -12.50 5.77
CA TYR A 224 5.78 -12.28 7.02
C TYR A 224 4.79 -11.14 6.83
N ARG A 225 3.66 -11.23 7.53
CA ARG A 225 2.62 -10.19 7.45
C ARG A 225 3.23 -8.82 7.75
N PHE A 226 4.18 -8.81 8.68
CA PHE A 226 4.88 -7.58 9.05
C PHE A 226 6.36 -7.92 8.96
N VAL A 227 7.04 -7.25 8.04
CA VAL A 227 8.46 -7.47 7.81
C VAL A 227 9.29 -6.25 8.16
N THR A 228 10.39 -6.47 8.86
CA THR A 228 11.31 -5.40 9.19
C THR A 228 12.43 -5.55 8.17
N ALA A 229 12.59 -4.54 7.32
CA ALA A 229 13.64 -4.56 6.33
C ALA A 229 14.66 -3.51 6.72
N ALA A 230 15.88 -3.97 7.02
CA ALA A 230 16.96 -3.07 7.43
C ALA A 230 18.11 -3.15 6.44
N VAL A 231 18.41 -2.01 5.83
CA VAL A 231 19.47 -1.92 4.84
C VAL A 231 20.44 -0.80 5.20
N LYS A 232 21.70 -0.98 4.85
CA LYS A 232 22.71 0.04 5.11
C LYS A 232 23.81 0.00 4.06
N GLY A 233 24.45 1.14 3.83
CA GLY A 233 25.51 1.21 2.85
C GLY A 233 26.58 2.22 3.21
N GLY A 234 27.83 1.84 2.97
CA GLY A 234 28.96 2.72 3.27
C GLY A 234 30.04 2.55 2.23
N ALA A 235 31.24 3.04 2.53
CA ALA A 235 32.37 2.96 1.60
C ALA A 235 32.69 1.50 1.25
N ASP A 236 32.26 1.11 0.06
CA ASP A 236 32.45 -0.25 -0.45
C ASP A 236 31.96 -1.34 0.50
N LYS A 237 30.77 -1.13 1.04
CA LYS A 237 30.16 -2.08 1.95
C LYS A 237 28.67 -1.77 2.07
N TRP A 238 27.87 -2.82 2.24
CA TRP A 238 26.43 -2.67 2.37
C TRP A 238 25.91 -3.97 2.95
N ALA A 239 24.65 -3.95 3.39
CA ALA A 239 24.08 -5.15 3.96
C ALA A 239 22.57 -5.17 3.88
N ILE A 240 22.03 -6.38 3.98
CA ILE A 240 20.59 -6.60 3.98
C ILE A 240 20.31 -7.46 5.20
N ARG A 241 19.40 -7.00 6.05
CA ARG A 241 19.01 -7.74 7.23
C ARG A 241 17.49 -7.73 7.28
N GLY A 242 16.89 -8.88 7.52
CA GLY A 242 15.44 -8.94 7.56
C GLY A 242 14.93 -9.71 8.74
N ALA A 243 13.67 -9.47 9.10
CA ALA A 243 13.07 -10.15 10.22
C ALA A 243 11.56 -10.03 10.21
N ASN A 244 10.94 -10.83 11.07
CA ASN A 244 9.50 -10.82 11.26
C ASN A 244 9.37 -9.63 12.22
N ALA A 245 8.74 -8.56 11.78
CA ALA A 245 8.58 -7.38 12.64
C ALA A 245 7.76 -7.69 13.90
N ALA A 246 7.06 -8.82 13.90
CA ALA A 246 6.24 -9.19 15.05
C ALA A 246 6.98 -10.08 16.04
N SER A 247 8.12 -10.64 15.64
CA SER A 247 8.84 -11.53 16.56
C SER A 247 10.24 -11.92 16.14
N GLY A 248 11.13 -11.96 17.12
CA GLY A 248 12.49 -12.40 16.85
C GLY A 248 13.52 -11.38 16.43
N SER A 249 14.62 -11.93 15.93
CA SER A 249 15.76 -11.14 15.51
C SER A 249 15.90 -10.94 14.01
N LEU A 250 16.83 -10.06 13.66
CA LEU A 250 17.16 -9.77 12.29
C LEU A 250 18.18 -10.82 11.86
N SER A 251 18.07 -11.27 10.62
CA SER A 251 19.01 -12.24 10.08
C SER A 251 19.74 -11.48 8.97
N THR A 252 21.03 -11.72 8.83
CA THR A 252 21.79 -11.02 7.79
C THR A 252 21.75 -11.85 6.51
N TYR A 253 21.19 -11.26 5.45
CA TYR A 253 21.09 -11.95 4.17
C TYR A 253 22.27 -11.62 3.29
N TYR A 254 22.90 -10.48 3.57
CA TYR A 254 24.09 -10.06 2.85
C TYR A 254 24.87 -9.02 3.63
N SER A 255 26.19 -9.14 3.61
CA SER A 255 27.07 -8.20 4.28
C SER A 255 28.41 -8.30 3.57
N GLY A 256 28.86 -7.19 2.97
CA GLY A 256 30.13 -7.24 2.28
C GLY A 256 30.36 -6.10 1.30
N ALA A 257 31.32 -6.30 0.39
CA ALA A 257 31.67 -5.30 -0.60
C ALA A 257 30.56 -5.01 -1.60
N ARG A 258 30.68 -3.86 -2.26
CA ARG A 258 29.72 -3.42 -3.27
C ARG A 258 29.78 -4.39 -4.45
N PRO A 259 28.66 -4.52 -5.19
CA PRO A 259 28.67 -5.42 -6.35
C PRO A 259 29.82 -4.96 -7.24
N ASP A 260 30.63 -5.89 -7.74
CA ASP A 260 31.78 -5.51 -8.56
C ASP A 260 31.47 -5.16 -10.01
N TYR A 261 30.74 -4.05 -10.20
CA TYR A 261 30.36 -3.57 -11.53
C TYR A 261 30.57 -2.07 -11.52
N SER A 262 30.85 -1.50 -12.69
CA SER A 262 31.08 -0.07 -12.81
C SER A 262 29.95 0.80 -12.27
N GLY A 263 30.30 1.81 -11.49
CA GLY A 263 29.29 2.71 -10.95
C GLY A 263 28.77 2.46 -9.54
N TYR A 264 29.09 1.31 -8.95
CA TYR A 264 28.62 1.02 -7.60
C TYR A 264 29.63 1.29 -6.50
N ASN A 265 30.85 1.63 -6.87
CA ASN A 265 31.88 1.97 -5.88
C ASN A 265 32.94 2.87 -6.50
N PRO A 266 33.02 4.12 -6.03
CA PRO A 266 32.16 4.68 -4.98
C PRO A 266 30.74 4.94 -5.47
N MET A 267 29.80 5.08 -4.53
CA MET A 267 28.41 5.35 -4.88
C MET A 267 28.27 6.84 -5.22
N SER A 268 27.13 7.19 -5.82
CA SER A 268 26.84 8.57 -6.20
C SER A 268 25.43 8.95 -5.75
N LYS A 269 25.13 8.67 -4.48
CA LYS A 269 23.81 8.96 -3.91
C LYS A 269 23.48 10.45 -4.05
N GLU A 270 22.20 10.74 -4.26
CA GLU A 270 21.78 12.13 -4.44
C GLU A 270 20.98 12.70 -3.26
N GLY A 271 20.54 11.85 -2.34
CA GLY A 271 19.84 12.34 -1.17
C GLY A 271 18.34 12.52 -1.18
N ALA A 272 17.68 12.25 -2.30
CA ALA A 272 16.22 12.36 -2.35
C ALA A 272 15.65 11.15 -1.62
N ILE A 273 14.37 11.22 -1.26
CA ILE A 273 13.71 10.13 -0.56
C ILE A 273 12.50 9.68 -1.36
N ILE A 274 12.40 8.37 -1.60
CA ILE A 274 11.26 7.84 -2.34
C ILE A 274 10.55 6.78 -1.53
N LEU A 275 9.27 6.57 -1.85
CA LEU A 275 8.48 5.55 -1.19
C LEU A 275 7.46 4.94 -2.14
N GLY A 276 7.56 3.63 -2.35
CA GLY A 276 6.63 2.91 -3.21
C GLY A 276 6.87 2.98 -4.70
N ILE A 277 7.94 3.65 -5.09
CA ILE A 277 8.28 3.83 -6.50
C ILE A 277 9.77 3.67 -6.75
N GLY A 278 10.15 3.69 -8.02
CA GLY A 278 11.56 3.59 -8.39
C GLY A 278 12.14 4.99 -8.52
N GLY A 279 13.46 5.08 -8.63
CA GLY A 279 14.11 6.38 -8.75
C GLY A 279 13.65 7.24 -9.92
N ASP A 280 13.37 6.61 -11.05
CA ASP A 280 12.93 7.32 -12.25
C ASP A 280 11.40 7.41 -12.27
N ASN A 281 10.81 7.15 -11.12
CA ASN A 281 9.37 7.14 -10.89
C ASN A 281 8.63 5.96 -11.51
N SER A 282 9.32 4.82 -11.63
CA SER A 282 8.64 3.63 -12.15
C SER A 282 7.54 3.43 -11.10
N ASN A 283 6.29 3.31 -11.54
CA ASN A 283 5.21 3.16 -10.59
C ASN A 283 4.25 2.00 -10.79
N GLY A 284 4.79 0.81 -11.02
CA GLY A 284 3.94 -0.35 -11.22
C GLY A 284 3.89 -1.26 -10.01
N ALA A 285 4.67 -0.96 -8.98
CA ALA A 285 4.73 -1.81 -7.79
C ALA A 285 3.67 -1.51 -6.72
N GLN A 286 3.46 -2.48 -5.84
CA GLN A 286 2.52 -2.33 -4.73
C GLN A 286 3.18 -2.79 -3.44
N GLY A 287 2.69 -2.28 -2.31
CA GLY A 287 3.24 -2.64 -1.02
C GLY A 287 2.62 -1.80 0.08
N THR A 288 2.94 -2.13 1.33
CA THR A 288 2.40 -1.38 2.47
C THR A 288 3.54 -0.91 3.38
N PHE A 289 3.50 0.38 3.72
CA PHE A 289 4.51 1.01 4.55
C PHE A 289 3.88 1.43 5.89
N TYR A 290 4.46 0.99 7.00
CA TYR A 290 3.94 1.33 8.32
C TYR A 290 4.84 2.33 9.05
N GLU A 291 6.13 2.17 8.90
CA GLU A 291 7.09 3.05 9.54
C GLU A 291 8.46 2.79 8.95
N GLY A 292 9.36 3.77 9.10
CA GLY A 292 10.70 3.62 8.58
C GLY A 292 11.48 4.89 8.73
N VAL A 293 12.80 4.79 8.68
CA VAL A 293 13.67 5.95 8.80
C VAL A 293 14.92 5.77 7.93
N MET A 294 15.68 6.84 7.81
CA MET A 294 16.95 6.85 7.08
C MET A 294 17.89 7.53 8.07
N THR A 295 19.13 7.05 8.13
CA THR A 295 20.08 7.64 9.05
C THR A 295 21.33 8.17 8.36
N SER A 296 22.17 8.84 9.15
CA SER A 296 23.44 9.34 8.71
C SER A 296 24.41 8.39 9.39
N GLY A 297 25.36 7.85 8.64
CA GLY A 297 26.31 6.92 9.22
C GLY A 297 25.85 5.48 9.06
N TYR A 298 26.81 4.56 9.13
CA TYR A 298 26.56 3.12 8.98
C TYR A 298 26.20 2.50 10.34
N PRO A 299 24.92 2.15 10.55
CA PRO A 299 24.49 1.55 11.82
C PRO A 299 25.15 0.21 12.12
N SER A 300 25.56 0.01 13.37
CA SER A 300 26.15 -1.26 13.76
C SER A 300 25.01 -2.25 13.85
N ASP A 301 25.33 -3.55 13.78
CA ASP A 301 24.31 -4.57 13.88
C ASP A 301 23.60 -4.49 15.23
N ASP A 302 24.36 -4.14 16.27
CA ASP A 302 23.79 -4.04 17.62
C ASP A 302 22.69 -3.00 17.67
N THR A 303 22.96 -1.83 17.09
CA THR A 303 21.98 -0.76 17.07
C THR A 303 20.69 -1.22 16.38
N GLU A 304 20.85 -1.88 15.24
CA GLU A 304 19.70 -2.38 14.49
C GLU A 304 18.93 -3.45 15.29
N ASN A 305 19.67 -4.28 16.01
CA ASN A 305 19.04 -5.32 16.82
C ASN A 305 18.15 -4.67 17.87
N SER A 306 18.62 -3.58 18.46
CA SER A 306 17.84 -2.87 19.47
C SER A 306 16.59 -2.28 18.83
N VAL A 307 16.74 -1.76 17.61
CA VAL A 307 15.60 -1.19 16.89
C VAL A 307 14.58 -2.31 16.67
N GLN A 308 15.04 -3.46 16.19
CA GLN A 308 14.15 -4.60 15.94
C GLN A 308 13.40 -4.99 17.21
N GLU A 309 14.08 -4.95 18.35
CA GLU A 309 13.45 -5.31 19.61
C GLU A 309 12.34 -4.34 19.94
N ASN A 310 12.55 -3.06 19.60
CA ASN A 310 11.57 -2.01 19.82
C ASN A 310 10.35 -2.22 18.93
N ILE A 311 10.58 -2.57 17.67
CA ILE A 311 9.49 -2.81 16.73
C ILE A 311 8.66 -3.99 17.22
N VAL A 312 9.33 -5.05 17.65
CA VAL A 312 8.64 -6.23 18.16
C VAL A 312 7.79 -5.79 19.35
N ALA A 313 8.38 -4.97 20.22
CA ALA A 313 7.67 -4.47 21.40
C ALA A 313 6.43 -3.66 21.02
N ALA A 314 6.45 -3.05 19.84
CA ALA A 314 5.31 -2.25 19.38
C ALA A 314 4.10 -3.15 19.15
N LYS A 315 4.35 -4.44 19.01
CA LYS A 315 3.31 -5.44 18.80
C LYS A 315 2.32 -5.15 17.67
N TYR A 316 2.82 -5.15 16.44
CA TYR A 316 1.96 -4.94 15.28
C TYR A 316 1.04 -6.13 15.10
N VAL A 317 -0.25 -5.87 14.91
CA VAL A 317 -1.23 -6.91 14.66
C VAL A 317 -2.17 -6.38 13.59
N VAL A 318 -2.57 -7.26 12.68
CA VAL A 318 -3.47 -6.87 11.59
C VAL A 318 -4.80 -6.38 12.15
N GLY A 319 -5.32 -5.31 11.55
CA GLY A 319 -6.59 -4.76 11.99
C GLY A 319 -7.75 -5.21 11.13
N SER A 320 -8.96 -4.82 11.50
CA SER A 320 -10.14 -5.20 10.74
C SER A 320 -10.31 -4.36 9.48
N LEU A 321 -10.47 -5.04 8.35
CA LEU A 321 -10.65 -4.39 7.06
C LEU A 321 -12.12 -4.22 6.72
N VAL A 322 -12.99 -4.82 7.52
CA VAL A 322 -14.43 -4.79 7.27
C VAL A 322 -15.25 -4.03 8.31
N SER A 323 -16.32 -3.41 7.83
CA SER A 323 -17.26 -2.66 8.67
C SER A 323 -18.62 -2.72 7.99
N GLY A 324 -19.68 -2.43 8.74
CA GLY A 324 -21.02 -2.47 8.17
C GLY A 324 -21.60 -3.87 8.07
N PRO A 325 -22.73 -4.03 7.36
CA PRO A 325 -23.43 -5.31 7.16
C PRO A 325 -22.57 -6.57 6.99
N SER A 326 -21.77 -6.62 5.94
CA SER A 326 -20.90 -7.77 5.65
C SER A 326 -21.66 -9.06 5.32
N PHE A 327 -20.93 -10.11 4.97
CA PHE A 327 -21.54 -11.37 4.56
C PHE A 327 -20.91 -12.60 5.21
N THR A 328 -21.43 -13.76 4.80
CA THR A 328 -20.95 -15.05 5.28
C THR A 328 -20.67 -15.86 4.01
N SER A 329 -19.57 -16.61 4.02
CA SER A 329 -19.22 -17.41 2.85
C SER A 329 -20.33 -18.41 2.50
N GLY A 330 -20.71 -18.43 1.23
CA GLY A 330 -21.76 -19.34 0.81
C GLY A 330 -23.11 -18.66 0.70
N GLU A 331 -23.21 -17.48 1.29
CA GLU A 331 -24.45 -16.71 1.26
C GLU A 331 -24.68 -16.21 -0.16
N VAL A 332 -25.94 -16.24 -0.61
CA VAL A 332 -26.28 -15.75 -1.94
C VAL A 332 -27.06 -14.45 -1.78
N VAL A 333 -26.62 -13.42 -2.49
CA VAL A 333 -27.27 -12.12 -2.37
C VAL A 333 -27.51 -11.39 -3.68
N SER A 334 -28.30 -10.33 -3.58
CA SER A 334 -28.59 -9.45 -4.70
C SER A 334 -28.27 -8.07 -4.11
N LEU A 335 -27.63 -7.23 -4.90
CA LEU A 335 -27.22 -5.90 -4.45
C LEU A 335 -28.01 -4.81 -5.16
N ARG A 336 -28.81 -4.07 -4.39
CA ARG A 336 -29.65 -3.02 -4.96
C ARG A 336 -29.05 -1.63 -4.92
N VAL A 337 -29.26 -0.89 -6.01
CA VAL A 337 -28.78 0.48 -6.14
C VAL A 337 -29.59 1.40 -5.23
N THR A 338 -28.92 2.33 -4.55
CA THR A 338 -29.62 3.25 -3.66
C THR A 338 -29.60 4.69 -4.17
N THR A 339 -29.02 4.90 -5.35
CA THR A 339 -28.97 6.24 -5.92
C THR A 339 -30.36 6.63 -6.41
N PRO A 340 -30.91 7.75 -5.91
CA PRO A 340 -32.25 8.21 -6.30
C PRO A 340 -32.45 8.17 -7.82
N GLY A 341 -33.53 7.56 -8.26
CA GLY A 341 -33.81 7.47 -9.68
C GLY A 341 -33.30 6.18 -10.32
N TYR A 342 -32.66 5.35 -9.51
CA TYR A 342 -32.11 4.08 -9.99
C TYR A 342 -32.29 2.99 -8.92
N THR A 343 -33.16 3.28 -7.95
CA THR A 343 -33.41 2.37 -6.84
C THR A 343 -34.03 1.01 -7.17
N THR A 344 -34.45 0.82 -8.43
CA THR A 344 -35.06 -0.44 -8.81
C THR A 344 -34.06 -1.30 -9.59
N ARG A 345 -32.84 -0.79 -9.76
CA ARG A 345 -31.81 -1.52 -10.47
C ARG A 345 -30.98 -2.35 -9.49
N TYR A 346 -30.36 -3.41 -10.01
CA TYR A 346 -29.54 -4.29 -9.19
C TYR A 346 -28.24 -4.57 -9.93
N ILE A 347 -27.19 -4.90 -9.19
CA ILE A 347 -25.93 -5.23 -9.84
C ILE A 347 -26.12 -6.57 -10.54
N ALA A 348 -25.92 -6.58 -11.85
CA ALA A 348 -26.07 -7.78 -12.64
C ALA A 348 -24.96 -7.79 -13.67
N HIS A 349 -25.16 -8.51 -14.77
CA HIS A 349 -24.15 -8.56 -15.81
C HIS A 349 -24.73 -9.13 -17.11
N THR A 350 -24.11 -8.73 -18.21
CA THR A 350 -24.48 -9.20 -19.54
C THR A 350 -23.14 -9.67 -20.06
N ASP A 351 -22.96 -10.99 -20.12
CA ASP A 351 -21.69 -11.56 -20.54
C ASP A 351 -20.67 -11.08 -19.51
N THR A 352 -19.49 -10.63 -19.93
CA THR A 352 -18.47 -10.19 -18.97
C THR A 352 -18.66 -8.78 -18.43
N THR A 353 -19.63 -8.04 -18.94
CA THR A 353 -19.86 -6.68 -18.47
C THR A 353 -20.74 -6.65 -17.23
N VAL A 354 -20.18 -6.14 -16.13
CA VAL A 354 -20.94 -6.02 -14.90
C VAL A 354 -21.66 -4.67 -14.99
N ASN A 355 -22.96 -4.68 -14.75
CA ASN A 355 -23.75 -3.47 -14.86
C ASN A 355 -24.92 -3.50 -13.88
N THR A 356 -25.82 -2.53 -14.01
CA THR A 356 -27.00 -2.48 -13.17
C THR A 356 -28.19 -2.65 -14.11
N GLN A 357 -29.19 -3.39 -13.66
CA GLN A 357 -30.38 -3.64 -14.46
C GLN A 357 -31.60 -3.72 -13.59
N VAL A 358 -32.74 -3.35 -14.15
CA VAL A 358 -34.00 -3.41 -13.42
C VAL A 358 -34.33 -4.89 -13.34
N VAL A 359 -34.40 -5.40 -12.11
CA VAL A 359 -34.72 -6.80 -11.91
C VAL A 359 -35.86 -6.89 -10.90
N ASP A 360 -36.84 -7.74 -11.20
CA ASP A 360 -37.99 -7.92 -10.33
C ASP A 360 -38.48 -9.35 -10.44
N ASP A 361 -39.62 -9.66 -9.83
CA ASP A 361 -40.14 -11.01 -9.88
C ASP A 361 -40.51 -11.53 -11.27
N ASP A 362 -40.81 -10.63 -12.20
CA ASP A 362 -41.16 -11.04 -13.57
C ASP A 362 -39.92 -11.30 -14.42
N SER A 363 -38.74 -11.05 -13.87
CA SER A 363 -37.51 -11.27 -14.63
C SER A 363 -37.33 -12.76 -14.92
N SER A 364 -36.63 -13.05 -16.01
CA SER A 364 -36.36 -14.42 -16.41
C SER A 364 -35.46 -15.07 -15.37
N THR A 365 -35.42 -16.39 -15.36
CA THR A 365 -34.58 -17.11 -14.42
C THR A 365 -33.11 -16.73 -14.68
N THR A 366 -32.78 -16.51 -15.94
CA THR A 366 -31.41 -16.14 -16.34
C THR A 366 -31.01 -14.78 -15.78
N LEU A 367 -31.89 -13.79 -15.89
CA LEU A 367 -31.58 -12.46 -15.38
C LEU A 367 -31.55 -12.46 -13.85
N LYS A 368 -32.40 -13.27 -13.23
CA LYS A 368 -32.41 -13.35 -11.78
C LYS A 368 -31.07 -13.90 -11.28
N GLU A 369 -30.50 -14.86 -12.01
CA GLU A 369 -29.22 -15.43 -11.62
C GLU A 369 -28.10 -14.44 -11.93
N GLU A 370 -28.25 -13.69 -13.01
CA GLU A 370 -27.25 -12.69 -13.41
C GLU A 370 -27.20 -11.59 -12.36
N ALA A 371 -28.27 -11.47 -11.57
CA ALA A 371 -28.35 -10.46 -10.52
C ALA A 371 -28.21 -11.09 -9.14
N SER A 372 -27.76 -12.35 -9.11
CA SER A 372 -27.56 -13.08 -7.86
C SER A 372 -26.09 -13.43 -7.71
N TRP A 373 -25.55 -13.23 -6.53
CA TRP A 373 -24.14 -13.49 -6.29
C TRP A 373 -23.83 -14.33 -5.07
N THR A 374 -22.98 -15.33 -5.27
CA THR A 374 -22.56 -16.20 -4.18
C THR A 374 -21.33 -15.59 -3.55
N VAL A 375 -21.46 -15.15 -2.31
CA VAL A 375 -20.35 -14.54 -1.60
C VAL A 375 -19.44 -15.61 -1.03
N VAL A 376 -18.16 -15.53 -1.35
CA VAL A 376 -17.20 -16.50 -0.84
C VAL A 376 -16.03 -15.77 -0.19
N THR A 377 -15.27 -16.49 0.63
CA THR A 377 -14.12 -15.92 1.31
C THR A 377 -13.25 -15.18 0.30
N GLY A 378 -12.84 -13.97 0.64
CA GLY A 378 -11.99 -13.18 -0.25
C GLY A 378 -10.84 -13.98 -0.83
N LEU A 379 -10.77 -14.01 -2.16
CA LEU A 379 -9.72 -14.76 -2.85
C LEU A 379 -8.28 -14.33 -2.53
N ALA A 380 -8.10 -13.07 -2.15
CA ALA A 380 -6.76 -12.57 -1.84
C ALA A 380 -6.59 -12.18 -0.38
N ASN A 381 -7.69 -12.17 0.37
CA ASN A 381 -7.66 -11.82 1.79
C ASN A 381 -8.90 -12.42 2.45
N SER A 382 -8.66 -13.31 3.41
CA SER A 382 -9.74 -14.02 4.12
C SER A 382 -10.67 -13.13 4.93
N GLN A 383 -10.29 -11.88 5.18
CA GLN A 383 -11.15 -10.97 5.92
C GLN A 383 -12.24 -10.42 5.00
N CYS A 384 -11.91 -10.28 3.73
CA CYS A 384 -12.84 -9.72 2.76
C CYS A 384 -13.56 -10.79 1.95
N PHE A 385 -14.16 -10.42 0.82
CA PHE A 385 -14.90 -11.38 0.02
C PHE A 385 -14.75 -11.24 -1.49
N SER A 386 -15.21 -12.27 -2.19
CA SER A 386 -15.21 -12.32 -3.65
C SER A 386 -16.64 -12.65 -4.04
N PHE A 387 -17.08 -12.13 -5.18
CA PHE A 387 -18.45 -12.35 -5.63
C PHE A 387 -18.56 -13.21 -6.88
N GLU A 388 -19.03 -14.44 -6.70
CA GLU A 388 -19.18 -15.41 -7.78
C GLU A 388 -20.57 -15.40 -8.42
N SER A 389 -20.59 -15.36 -9.74
CA SER A 389 -21.85 -15.35 -10.50
C SER A 389 -22.64 -16.63 -10.28
N VAL A 390 -23.95 -16.49 -10.12
CA VAL A 390 -24.83 -17.64 -9.90
C VAL A 390 -25.06 -18.37 -11.20
N ASP A 391 -25.24 -17.63 -12.30
CA ASP A 391 -25.47 -18.24 -13.59
C ASP A 391 -24.17 -18.78 -14.20
N THR A 392 -23.05 -18.17 -13.84
CA THR A 392 -21.76 -18.59 -14.36
C THR A 392 -20.78 -18.95 -13.24
N PRO A 393 -20.97 -20.11 -12.61
CA PRO A 393 -20.09 -20.56 -11.51
C PRO A 393 -18.63 -20.60 -11.97
N GLY A 394 -17.72 -20.28 -11.07
CA GLY A 394 -16.30 -20.29 -11.44
C GLY A 394 -15.82 -18.93 -11.89
N SER A 395 -16.76 -18.02 -12.13
CA SER A 395 -16.41 -16.66 -12.57
C SER A 395 -16.74 -15.69 -11.45
N TYR A 396 -15.94 -14.63 -11.32
CA TYR A 396 -16.13 -13.64 -10.27
C TYR A 396 -16.04 -12.21 -10.78
N ILE A 397 -16.56 -11.30 -9.97
CA ILE A 397 -16.50 -9.89 -10.30
C ILE A 397 -15.05 -9.48 -10.03
N ARG A 398 -14.39 -8.92 -11.04
CA ARG A 398 -13.00 -8.49 -10.90
C ARG A 398 -12.82 -7.18 -11.66
N HIS A 399 -11.96 -6.31 -11.15
CA HIS A 399 -11.72 -5.06 -11.86
C HIS A 399 -10.57 -5.26 -12.83
N TYR A 400 -10.69 -4.64 -13.99
CA TYR A 400 -9.69 -4.72 -15.05
C TYR A 400 -9.73 -3.32 -15.64
N ASN A 401 -8.61 -2.62 -15.58
CA ASN A 401 -8.52 -1.25 -16.07
C ASN A 401 -9.62 -0.45 -15.38
N PHE A 402 -9.92 -0.87 -14.15
CA PHE A 402 -10.91 -0.26 -13.28
C PHE A 402 -12.37 -0.43 -13.69
N GLU A 403 -12.63 -1.36 -14.59
CA GLU A 403 -13.99 -1.68 -14.99
C GLU A 403 -14.30 -3.01 -14.32
N LEU A 404 -15.50 -3.18 -13.80
CA LEU A 404 -15.83 -4.46 -13.17
C LEU A 404 -16.29 -5.44 -14.24
N LEU A 405 -15.61 -6.59 -14.30
CA LEU A 405 -15.96 -7.60 -15.28
C LEU A 405 -16.20 -8.94 -14.62
N LEU A 406 -16.93 -9.81 -15.31
CA LEU A 406 -17.17 -11.14 -14.79
C LEU A 406 -16.26 -12.06 -15.57
N ASN A 407 -15.16 -12.47 -14.93
CA ASN A 407 -14.22 -13.37 -15.58
C ASN A 407 -14.02 -14.64 -14.78
N ALA A 408 -13.62 -15.70 -15.46
CA ALA A 408 -13.38 -16.98 -14.80
C ALA A 408 -12.10 -16.91 -13.98
N ASN A 409 -12.16 -17.45 -12.77
CA ASN A 409 -11.01 -17.47 -11.86
C ASN A 409 -9.90 -18.32 -12.50
N ASP A 410 -8.79 -17.68 -12.85
CA ASP A 410 -7.67 -18.40 -13.46
C ASP A 410 -6.67 -18.87 -12.42
N GLY A 411 -7.04 -18.74 -11.15
CA GLY A 411 -6.18 -19.17 -10.06
C GLY A 411 -4.95 -18.31 -9.78
N THR A 412 -4.70 -17.29 -10.59
CA THR A 412 -3.54 -16.43 -10.39
C THR A 412 -3.72 -15.38 -9.29
N LYS A 413 -2.60 -14.98 -8.70
CA LYS A 413 -2.58 -13.96 -7.66
C LYS A 413 -3.24 -12.68 -8.19
N GLN A 414 -2.91 -12.32 -9.42
CA GLN A 414 -3.46 -11.12 -10.05
C GLN A 414 -4.98 -11.15 -10.06
N PHE A 415 -5.55 -12.26 -10.50
CA PHE A 415 -7.00 -12.38 -10.54
C PHE A 415 -7.56 -12.29 -9.12
N HIS A 416 -6.92 -13.02 -8.20
CA HIS A 416 -7.33 -13.03 -6.81
C HIS A 416 -7.42 -11.63 -6.25
N GLU A 417 -6.38 -10.83 -6.46
CA GLU A 417 -6.36 -9.47 -5.96
C GLU A 417 -7.39 -8.57 -6.67
N ASP A 418 -7.55 -8.76 -7.98
CA ASP A 418 -8.52 -7.97 -8.74
C ASP A 418 -9.95 -8.32 -8.34
N ALA A 419 -10.14 -9.50 -7.74
CA ALA A 419 -11.48 -9.95 -7.35
C ALA A 419 -11.79 -9.94 -5.86
N THR A 420 -10.99 -9.24 -5.07
CA THR A 420 -11.23 -9.19 -3.63
C THR A 420 -11.74 -7.82 -3.20
N PHE A 421 -12.88 -7.81 -2.52
CA PHE A 421 -13.50 -6.57 -2.06
C PHE A 421 -13.86 -6.63 -0.58
N CYS A 422 -13.63 -5.51 0.10
CA CYS A 422 -13.90 -5.43 1.53
C CYS A 422 -15.12 -4.58 1.86
N PRO A 423 -16.11 -5.18 2.53
CA PRO A 423 -17.33 -4.48 2.92
C PRO A 423 -17.03 -3.33 3.88
N GLN A 424 -17.71 -2.19 3.66
CA GLN A 424 -17.55 -1.01 4.49
C GLN A 424 -18.95 -0.40 4.64
N ALA A 425 -19.29 0.04 5.86
CA ALA A 425 -20.60 0.64 6.07
C ALA A 425 -20.83 1.66 4.96
N ALA A 426 -21.95 1.52 4.25
CA ALA A 426 -22.29 2.40 3.15
C ALA A 426 -21.98 3.86 3.44
N LEU A 427 -21.33 4.53 2.49
CA LEU A 427 -20.99 5.93 2.66
C LEU A 427 -22.26 6.79 2.78
N ASN A 428 -23.33 6.39 2.10
CA ASN A 428 -24.57 7.16 2.17
C ASN A 428 -25.46 6.60 3.28
N GLY A 429 -24.90 5.70 4.08
CA GLY A 429 -25.63 5.11 5.19
C GLY A 429 -26.63 4.02 4.84
N GLU A 430 -26.77 3.71 3.56
CA GLU A 430 -27.71 2.70 3.13
C GLU A 430 -27.05 1.42 2.62
N GLY A 431 -26.90 0.45 3.50
CA GLY A 431 -26.30 -0.81 3.10
C GLY A 431 -24.80 -0.91 3.21
N THR A 432 -24.16 -1.34 2.12
CA THR A 432 -22.72 -1.53 2.10
C THR A 432 -22.00 -0.84 0.94
N SER A 433 -20.72 -0.61 1.13
CA SER A 433 -19.86 -0.02 0.11
C SER A 433 -18.69 -1.00 -0.03
N LEU A 434 -18.60 -1.64 -1.20
CA LEU A 434 -17.56 -2.62 -1.45
C LEU A 434 -16.25 -1.98 -1.89
N ARG A 435 -15.32 -1.83 -0.95
CA ARG A 435 -14.03 -1.23 -1.23
C ARG A 435 -13.06 -2.26 -1.81
N SER A 436 -12.34 -1.89 -2.87
CA SER A 436 -11.38 -2.79 -3.48
C SER A 436 -10.23 -3.03 -2.51
N TRP A 437 -9.88 -4.29 -2.30
CA TRP A 437 -8.78 -4.61 -1.40
C TRP A 437 -7.43 -4.16 -1.97
N SER A 438 -7.19 -4.45 -3.25
CA SER A 438 -5.93 -4.09 -3.89
C SER A 438 -5.81 -2.60 -4.21
N TYR A 439 -6.94 -1.93 -4.45
CA TYR A 439 -6.96 -0.49 -4.72
C TYR A 439 -7.97 0.13 -3.75
N PRO A 440 -7.57 0.29 -2.48
CA PRO A 440 -8.44 0.87 -1.44
C PRO A 440 -9.04 2.23 -1.69
N THR A 441 -8.55 2.98 -2.68
CA THR A 441 -9.13 4.29 -2.98
C THR A 441 -10.32 4.10 -3.93
N ARG A 442 -10.57 2.86 -4.33
CA ARG A 442 -11.66 2.55 -5.26
C ARG A 442 -12.75 1.65 -4.69
N TYR A 443 -13.99 1.90 -5.12
CA TYR A 443 -15.17 1.17 -4.65
C TYR A 443 -16.08 0.72 -5.80
N PHE A 444 -16.93 -0.28 -5.52
CA PHE A 444 -17.89 -0.74 -6.51
C PHE A 444 -18.65 0.57 -6.76
N ARG A 445 -18.76 0.99 -8.02
CA ARG A 445 -19.45 2.24 -8.32
C ARG A 445 -20.16 2.15 -9.67
N HIS A 446 -21.44 2.44 -9.70
CA HIS A 446 -22.17 2.39 -10.96
C HIS A 446 -22.16 3.78 -11.59
N TYR A 447 -21.78 3.83 -12.87
CA TYR A 447 -21.72 5.08 -13.61
C TYR A 447 -22.39 4.85 -14.95
N GLU A 448 -23.54 5.52 -15.15
CA GLU A 448 -24.31 5.36 -16.37
C GLU A 448 -24.69 3.89 -16.52
N ASN A 449 -25.10 3.30 -15.40
CA ASN A 449 -25.53 1.91 -15.32
C ASN A 449 -24.48 0.83 -15.57
N VAL A 450 -23.21 1.20 -15.47
CA VAL A 450 -22.13 0.23 -15.64
C VAL A 450 -21.30 0.25 -14.36
N LEU A 451 -20.77 -0.90 -13.95
CA LEU A 451 -19.98 -0.97 -12.73
C LEU A 451 -18.49 -0.76 -12.95
N TYR A 452 -17.89 0.02 -12.06
CA TYR A 452 -16.47 0.30 -12.12
C TYR A 452 -15.91 0.24 -10.70
N ALA A 453 -14.58 0.22 -10.61
CA ALA A 453 -13.89 0.27 -9.33
C ALA A 453 -13.45 1.72 -9.39
N ALA A 454 -14.30 2.60 -8.85
CA ALA A 454 -14.04 4.04 -8.91
C ALA A 454 -13.62 4.72 -7.62
N SER A 455 -12.90 5.82 -7.78
CA SER A 455 -12.44 6.64 -6.66
C SER A 455 -13.29 7.90 -6.63
N ASN A 456 -13.37 8.51 -5.44
CA ASN A 456 -14.14 9.73 -5.25
C ASN A 456 -13.34 10.85 -5.92
N GLY A 457 -13.49 10.97 -7.24
CA GLY A 457 -12.75 11.96 -7.99
C GLY A 457 -11.52 11.25 -8.55
N GLY A 458 -11.12 11.60 -9.77
CA GLY A 458 -9.97 10.93 -10.36
C GLY A 458 -9.85 11.23 -11.85
N VAL A 459 -8.86 10.62 -12.49
CA VAL A 459 -8.62 10.87 -13.92
C VAL A 459 -9.58 10.17 -14.90
N GLN A 460 -10.37 9.23 -14.41
CA GLN A 460 -11.33 8.53 -15.27
C GLN A 460 -12.70 9.22 -15.15
N THR A 461 -13.46 9.22 -16.24
CA THR A 461 -14.77 9.85 -16.23
C THR A 461 -15.68 9.23 -15.17
N PHE A 462 -15.55 7.91 -14.97
CA PHE A 462 -16.38 7.24 -13.99
C PHE A 462 -15.96 7.47 -12.54
N ASP A 463 -14.91 8.26 -12.34
CA ASP A 463 -14.45 8.58 -10.98
C ASP A 463 -15.14 9.86 -10.52
N SER A 464 -16.11 10.34 -11.31
CA SER A 464 -16.80 11.58 -10.97
C SER A 464 -17.27 11.66 -9.51
N LYS A 465 -17.06 12.81 -8.90
CA LYS A 465 -17.47 13.04 -7.52
C LYS A 465 -18.98 13.21 -7.45
N THR A 466 -19.60 13.47 -8.60
CA THR A 466 -21.04 13.65 -8.66
C THR A 466 -21.78 12.37 -8.29
N SER A 467 -22.53 12.41 -7.19
CA SER A 467 -23.30 11.27 -6.74
C SER A 467 -22.44 10.07 -6.31
N PHE A 468 -21.17 10.31 -6.03
CA PHE A 468 -20.26 9.24 -5.62
C PHE A 468 -20.80 8.40 -4.45
N ASN A 469 -21.02 9.05 -3.32
CA ASN A 469 -21.51 8.38 -2.13
C ASN A 469 -22.72 7.49 -2.39
N ASN A 470 -23.69 8.01 -3.15
CA ASN A 470 -24.87 7.22 -3.47
C ASN A 470 -24.51 6.08 -4.42
N ASP A 471 -23.67 6.39 -5.42
CA ASP A 471 -23.28 5.39 -6.40
C ASP A 471 -22.39 4.26 -5.87
N VAL A 472 -21.91 4.37 -4.63
CA VAL A 472 -21.08 3.31 -4.07
C VAL A 472 -21.77 2.65 -2.87
N SER A 473 -23.04 2.97 -2.67
CA SER A 473 -23.80 2.38 -1.56
C SER A 473 -24.87 1.44 -2.11
N PHE A 474 -24.84 0.20 -1.65
CA PHE A 474 -25.80 -0.81 -2.12
C PHE A 474 -26.46 -1.55 -0.95
N GLU A 475 -27.75 -1.81 -1.09
CA GLU A 475 -28.50 -2.53 -0.06
C GLU A 475 -28.36 -4.02 -0.32
N ILE A 476 -28.06 -4.79 0.72
CA ILE A 476 -27.93 -6.23 0.58
C ILE A 476 -29.31 -6.86 0.74
N GLU A 477 -29.77 -7.56 -0.28
CA GLU A 477 -31.08 -8.19 -0.21
C GLU A 477 -30.99 -9.65 -0.58
N THR A 478 -32.09 -10.37 -0.34
CA THR A 478 -32.17 -11.78 -0.66
C THR A 478 -31.96 -11.93 -2.15
N ALA A 479 -31.19 -12.94 -2.56
CA ALA A 479 -30.92 -13.16 -3.97
C ALA A 479 -32.17 -13.52 -4.76
N PHE A 480 -32.28 -12.98 -5.97
CA PHE A 480 -33.42 -13.27 -6.84
C PHE A 480 -33.43 -14.75 -7.18
N ALA A 481 -32.23 -15.32 -7.35
CA ALA A 481 -32.09 -16.74 -7.68
C ALA A 481 -32.36 -17.60 -6.46
N SER A 482 -32.88 -16.98 -5.40
CA SER A 482 -33.19 -17.70 -4.17
C SER A 482 -31.93 -18.38 -3.62
C1 NAG B . 6.01 -13.25 -8.58
C2 NAG B . 6.26 -13.86 -10.05
C3 NAG B . 4.98 -14.05 -10.78
C4 NAG B . 4.07 -15.00 -9.93
C5 NAG B . 3.83 -14.42 -8.51
C6 NAG B . 3.08 -15.36 -7.55
C7 NAG B . 8.32 -13.25 -11.36
C8 NAG B . 8.96 -12.12 -12.16
N2 NAG B . 7.12 -12.97 -10.85
O3 NAG B . 5.23 -14.60 -12.09
O4 NAG B . 2.89 -15.15 -10.66
O5 NAG B . 5.10 -14.14 -7.88
O6 NAG B . 3.75 -16.58 -7.27
O7 NAG B . 8.88 -14.33 -11.21
C1 NAG B . 2.32 -16.28 -11.43
C2 NAG B . 1.10 -17.15 -11.46
C3 NAG B . 1.20 -18.22 -12.60
C4 NAG B . 1.55 -17.58 -13.96
C5 NAG B . 2.78 -16.57 -13.75
C6 NAG B . 3.26 -15.66 -14.87
C7 NAG B . 0.25 -17.26 -9.17
C8 NAG B . 0.28 -18.10 -7.90
N2 NAG B . 0.99 -17.79 -10.14
O3 NAG B . -0.06 -18.90 -12.81
O4 NAG B . 1.86 -18.76 -14.79
O5 NAG B . 2.52 -15.65 -12.66
O6 NAG B . 2.08 -15.00 -15.26
O7 NAG B . -0.37 -16.21 -9.30
O5 AHR C . 17.40 -0.11 -10.21
C5 AHR C . 16.04 -0.50 -10.31
C4 AHR C . 15.18 0.61 -11.01
O4 AHR C . 15.67 0.82 -12.33
C3 AHR C . 15.20 2.01 -10.39
O3 AHR C . 14.39 2.12 -9.21
C2 AHR C . 14.73 2.90 -11.53
O2 AHR C . 15.11 4.31 -11.36
C1 AHR C . 15.45 2.20 -12.70
O1 AHR C . 14.63 2.27 -13.87
O5 AHR D . -8.26 -2.68 -12.82
C5 AHR D . -6.93 -2.17 -12.68
C4 AHR D . -5.88 -3.15 -13.28
O4 AHR D . -6.09 -3.26 -14.68
C3 AHR D . -5.96 -4.61 -12.81
O3 AHR D . -5.36 -4.81 -11.53
C2 AHR D . -5.27 -5.39 -13.91
O2 AHR D . -5.80 -6.75 -14.07
C1 AHR D . -5.55 -4.51 -15.15
O1 AHR D . -4.31 -4.27 -15.84
O5 AHR E . -25.32 4.80 -13.07
C5 AHR E . -26.42 5.69 -13.28
C4 AHR E . -25.98 7.17 -13.05
O4 AHR E . -25.12 7.55 -14.10
C3 AHR E . -25.15 7.47 -11.79
O3 AHR E . -25.97 7.69 -10.65
C2 AHR E . -24.30 8.68 -12.14
O2 AHR E . -22.94 8.55 -11.64
C1 AHR E . -24.37 8.70 -13.69
O1 AHR E . -25.03 9.90 -14.12
#